data_4GQR
#
_entry.id   4GQR
#
_cell.length_a   52.129
_cell.length_b   67.373
_cell.length_c   129.929
_cell.angle_alpha   90.00
_cell.angle_beta   90.00
_cell.angle_gamma   90.00
#
_symmetry.space_group_name_H-M   'P 21 21 21'
#
loop_
_entity.id
_entity.type
_entity.pdbx_description
1 polymer 'Pancreatic alpha-amylase'
2 non-polymer 2-acetamido-2-deoxy-beta-D-glucopyranose
3 non-polymer 'CALCIUM ION'
4 non-polymer 'CHLORIDE ION'
5 non-polymer 3,5,7-TRIHYDROXY-2-(3,4,5-TRIHYDROXYPHENYL)-4H-CHROMEN-4-ONE
6 water water
#
_entity_poly.entity_id   1
_entity_poly.type   'polypeptide(L)'
_entity_poly.pdbx_seq_one_letter_code
;(PCA)YSPNTQQGRTSIVHLFEWRWVDIALECERYLAPKGFGGVQVSPPNENVAIYNPFRPWWERYQPVSYKLCTRSGNE
DEFRNMVTRCNNVGVRIYVDAVINHMCGNAVSAGTSSTCGSYFNPGSRDFPAVPYSGWDFNDGKCKTGSGDIENYNDATQ
VRDCRLTGLLDLALEKDYVRSKIAEYMNHLIDIGVAGFRLDASKHMWPGDIKAILDKLHNLNSNWFPAGSKPFIYQEVID
LGGEPIKSSDYFGNGRVTEFKYGAKLGTVIRKWNGEKMSYLKNWGEGWGFVPSDRALVFVDNHDNQRGHGAGGASILTFW
DARLYKMAVGFMLAHPYGFTRVMSSYRWPRQFQNGNDVNDWVGPPNNNGVIKEVTINPDTTCGNDWVCEHRWRQIRNMVI
FRNVVDGQPFTNWYDNGSNQVAFGRGNRGFIVFNNDDWSFSLTLQTGLPAGTYCDVISGDKINGNCTGIKIYVSDDGKAH
FSISNSAEDPFIAIHAESKL
;
_entity_poly.pdbx_strand_id   A
#
# COMPACT_ATOMS: atom_id res chain seq x y z
N TYR A 2 -1.81 -0.59 16.29
CA TYR A 2 -1.86 -1.77 15.43
C TYR A 2 -3.19 -2.01 14.73
N SER A 3 -4.26 -1.45 15.28
CA SER A 3 -5.58 -1.58 14.69
C SER A 3 -5.78 -0.56 13.56
N PRO A 4 -6.29 -0.97 12.37
CA PRO A 4 -6.50 -0.04 11.25
C PRO A 4 -7.51 1.08 11.46
N ASN A 5 -8.45 0.91 12.39
CA ASN A 5 -9.48 1.89 12.65
C ASN A 5 -10.52 1.98 11.52
N THR A 6 -10.56 0.96 10.67
CA THR A 6 -11.56 0.89 9.62
C THR A 6 -12.86 0.39 10.26
N GLN A 7 -13.99 0.53 9.58
CA GLN A 7 -15.24 0.01 10.12
C GLN A 7 -15.18 -1.53 10.27
N GLN A 8 -15.87 -2.13 11.25
CA GLN A 8 -15.90 -3.64 11.36
C GLN A 8 -16.34 -4.20 10.02
N GLY A 9 -15.62 -5.18 9.48
CA GLY A 9 -16.04 -5.73 8.21
C GLY A 9 -15.27 -5.20 7.02
N ARG A 10 -14.59 -4.06 7.16
CA ARG A 10 -13.78 -3.50 6.09
C ARG A 10 -12.31 -3.84 6.38
N THR A 11 -11.71 -4.65 5.53
CA THR A 11 -10.38 -5.19 5.81
C THR A 11 -9.21 -4.79 4.91
N SER A 12 -9.38 -3.80 4.06
CA SER A 12 -8.30 -3.37 3.20
C SER A 12 -8.20 -1.86 3.03
N ILE A 13 -7.01 -1.38 2.68
CA ILE A 13 -6.85 0.01 2.34
C ILE A 13 -6.34 0.06 0.91
N VAL A 14 -6.62 1.14 0.19
CA VAL A 14 -6.14 1.26 -1.18
C VAL A 14 -5.25 2.48 -1.32
N HIS A 15 -4.11 2.33 -1.99
CA HIS A 15 -3.23 3.47 -2.21
C HIS A 15 -3.62 4.19 -3.48
N LEU A 16 -4.31 5.32 -3.36
CA LEU A 16 -4.70 6.09 -4.53
C LEU A 16 -3.52 7.03 -4.83
N PHE A 17 -2.47 6.42 -5.34
CA PHE A 17 -1.20 7.07 -5.65
C PHE A 17 -1.29 8.29 -6.55
N GLU A 18 -0.90 9.44 -6.01
CA GLU A 18 -0.90 10.72 -6.72
C GLU A 18 -2.30 11.27 -7.07
N TRP A 19 -3.36 10.69 -6.53
CA TRP A 19 -4.69 11.20 -6.80
C TRP A 19 -4.93 12.56 -6.14
N ARG A 20 -5.75 13.40 -6.76
CA ARG A 20 -6.09 14.70 -6.18
C ARG A 20 -7.13 14.49 -5.07
N TRP A 21 -7.16 15.36 -4.07
CA TRP A 21 -8.10 15.20 -2.98
C TRP A 21 -9.57 15.18 -3.43
N VAL A 22 -9.95 16.03 -4.39
CA VAL A 22 -11.34 16.05 -4.85
C VAL A 22 -11.75 14.73 -5.50
N ASP A 23 -10.82 14.09 -6.21
CA ASP A 23 -11.11 12.81 -6.84
C ASP A 23 -11.22 11.68 -5.79
N ILE A 24 -10.40 11.74 -4.74
CA ILE A 24 -10.50 10.74 -3.68
C ILE A 24 -11.83 10.92 -2.94
N ALA A 25 -12.22 12.17 -2.66
CA ALA A 25 -13.50 12.43 -2.00
C ALA A 25 -14.64 11.81 -2.80
N LEU A 26 -14.67 12.07 -4.09
CA LEU A 26 -15.69 11.50 -4.95
C LEU A 26 -15.62 9.97 -4.97
N GLU A 27 -14.41 9.43 -5.04
CA GLU A 27 -14.20 7.99 -5.08
C GLU A 27 -14.72 7.32 -3.79
N CYS A 28 -14.54 7.98 -2.66
CA CYS A 28 -15.06 7.45 -1.40
C CYS A 28 -16.58 7.27 -1.45
N GLU A 29 -17.25 8.28 -1.96
CA GLU A 29 -18.69 8.30 -2.06
C GLU A 29 -19.30 7.38 -3.13
N ARG A 30 -18.73 7.40 -4.32
CA ARG A 30 -19.26 6.64 -5.44
C ARG A 30 -18.77 5.20 -5.56
N TYR A 31 -17.68 4.84 -4.90
CA TYR A 31 -17.15 3.49 -5.05
C TYR A 31 -16.58 2.81 -3.79
N LEU A 32 -15.66 3.46 -3.09
CA LEU A 32 -15.07 2.85 -1.92
C LEU A 32 -16.07 2.51 -0.83
N ALA A 33 -17.02 3.40 -0.54
CA ALA A 33 -18.02 3.09 0.46
C ALA A 33 -18.91 1.91 0.03
N PRO A 34 -19.63 1.99 -1.11
CA PRO A 34 -20.47 0.84 -1.52
C PRO A 34 -19.73 -0.47 -1.75
N LYS A 35 -18.48 -0.41 -2.19
CA LYS A 35 -17.72 -1.63 -2.46
C LYS A 35 -16.96 -2.21 -1.23
N GLY A 36 -17.16 -1.64 -0.05
CA GLY A 36 -16.52 -2.17 1.15
C GLY A 36 -15.05 -1.91 1.41
N PHE A 37 -14.47 -0.90 0.79
CA PHE A 37 -13.07 -0.58 1.04
C PHE A 37 -12.88 0.07 2.41
N GLY A 38 -11.88 -0.33 3.18
CA GLY A 38 -11.70 0.24 4.50
C GLY A 38 -11.13 1.65 4.52
N GLY A 39 -10.25 1.96 3.59
CA GLY A 39 -9.67 3.28 3.61
C GLY A 39 -8.73 3.53 2.45
N VAL A 40 -8.12 4.71 2.49
CA VAL A 40 -7.23 5.16 1.45
C VAL A 40 -5.90 5.69 1.95
N GLN A 41 -4.80 5.24 1.34
CA GLN A 41 -3.49 5.84 1.66
C GLN A 41 -3.36 6.95 0.67
N VAL A 42 -3.13 8.16 1.15
CA VAL A 42 -2.94 9.27 0.24
C VAL A 42 -1.47 9.61 0.06
N SER A 43 -1.13 10.25 -1.04
CA SER A 43 0.24 10.67 -1.24
C SER A 43 0.58 11.76 -0.19
N PRO A 44 1.87 12.04 0.07
CA PRO A 44 2.23 13.08 1.07
C PRO A 44 1.42 14.36 0.87
N PRO A 45 0.64 14.79 1.87
CA PRO A 45 -0.17 16.01 1.76
C PRO A 45 0.55 17.31 2.08
N ASN A 46 1.81 17.22 2.47
CA ASN A 46 2.60 18.38 2.83
C ASN A 46 3.40 18.95 1.66
N GLU A 47 3.63 20.26 1.66
CA GLU A 47 4.38 20.96 0.62
C GLU A 47 5.74 20.32 0.32
N ASN A 48 6.00 20.12 -0.96
CA ASN A 48 7.24 19.52 -1.41
C ASN A 48 7.97 20.36 -2.47
N VAL A 49 9.18 19.95 -2.83
CA VAL A 49 9.93 20.67 -3.86
C VAL A 49 9.31 20.46 -5.24
N ALA A 50 9.17 21.53 -6.01
CA ALA A 50 8.71 21.40 -7.37
C ALA A 50 9.94 21.16 -8.22
N ILE A 51 10.10 19.94 -8.72
CA ILE A 51 11.26 19.56 -9.52
C ILE A 51 10.95 19.61 -11.00
N TYR A 52 11.74 20.37 -11.76
CA TYR A 52 11.51 20.56 -13.17
C TYR A 52 12.49 19.90 -14.14
N ASN A 53 13.73 19.58 -13.76
CA ASN A 53 14.62 18.92 -14.73
C ASN A 53 13.79 17.68 -15.15
N PRO A 54 13.78 16.59 -14.35
CA PRO A 54 12.90 15.50 -14.85
C PRO A 54 11.59 16.27 -14.53
N PHE A 55 10.64 16.36 -15.45
CA PHE A 55 9.44 17.15 -15.21
C PHE A 55 8.44 16.59 -14.21
N ARG A 56 8.38 17.22 -13.03
CA ARG A 56 7.46 16.85 -11.97
C ARG A 56 7.39 15.32 -11.71
N PRO A 57 8.51 14.71 -11.32
CA PRO A 57 8.56 13.27 -11.05
C PRO A 57 7.73 12.90 -9.83
N TRP A 58 7.27 11.67 -9.73
CA TRP A 58 6.51 11.28 -8.57
C TRP A 58 7.32 11.44 -7.27
N TRP A 59 8.62 11.18 -7.34
CA TRP A 59 9.46 11.27 -6.16
C TRP A 59 9.71 12.68 -5.60
N GLU A 60 9.27 13.73 -6.29
CA GLU A 60 9.44 15.07 -5.73
C GLU A 60 8.61 15.22 -4.44
N ARG A 61 7.55 14.41 -4.31
CA ARG A 61 6.68 14.45 -3.14
C ARG A 61 7.33 13.86 -1.87
N TYR A 62 8.49 13.24 -2.01
CA TYR A 62 9.20 12.71 -0.88
C TYR A 62 10.36 13.64 -0.49
N GLN A 63 10.28 14.89 -0.96
CA GLN A 63 11.27 15.91 -0.62
C GLN A 63 10.53 17.12 -0.05
N PRO A 64 10.22 17.07 1.25
CA PRO A 64 9.50 18.16 1.92
C PRO A 64 10.14 19.54 1.94
N VAL A 65 9.30 20.56 1.86
CA VAL A 65 9.69 21.96 1.95
C VAL A 65 9.07 22.54 3.23
N SER A 66 7.87 22.07 3.56
CA SER A 66 7.17 22.50 4.76
C SER A 66 6.06 21.53 5.14
N TYR A 67 5.29 21.83 6.18
CA TYR A 67 4.19 20.98 6.59
C TYR A 67 2.82 21.58 6.20
N LYS A 68 2.85 22.61 5.36
CA LYS A 68 1.62 23.21 4.86
C LYS A 68 0.90 22.17 3.97
N LEU A 69 -0.41 22.01 4.12
CA LEU A 69 -1.14 21.04 3.31
C LEU A 69 -1.45 21.66 1.95
N CYS A 70 -0.41 21.71 1.12
CA CYS A 70 -0.48 22.39 -0.14
C CYS A 70 0.41 21.70 -1.17
N THR A 71 -0.21 20.89 -2.02
CA THR A 71 0.48 20.07 -3.01
C THR A 71 -0.27 20.01 -4.34
N ARG A 72 0.25 19.24 -5.28
CA ARG A 72 -0.43 19.07 -6.56
C ARG A 72 -1.77 18.32 -6.39
N SER A 73 -1.95 17.64 -5.26
CA SER A 73 -3.22 16.96 -4.99
C SER A 73 -4.29 17.93 -4.49
N GLY A 74 -3.86 19.10 -4.02
CA GLY A 74 -4.81 20.09 -3.52
C GLY A 74 -4.33 20.87 -2.32
N ASN A 75 -5.14 21.84 -1.90
CA ASN A 75 -4.84 22.67 -0.76
C ASN A 75 -5.46 22.15 0.54
N GLU A 76 -5.33 22.86 1.66
CA GLU A 76 -5.88 22.40 2.93
C GLU A 76 -7.41 22.26 2.90
N ASP A 77 -8.10 23.19 2.25
CA ASP A 77 -9.55 23.12 2.15
C ASP A 77 -9.99 21.84 1.42
N GLU A 78 -9.32 21.55 0.30
CA GLU A 78 -9.60 20.36 -0.47
C GLU A 78 -9.27 19.09 0.33
N PHE A 79 -8.19 19.11 1.09
CA PHE A 79 -7.80 17.97 1.92
C PHE A 79 -8.84 17.70 3.02
N ARG A 80 -9.21 18.75 3.75
CA ARG A 80 -10.22 18.64 4.80
C ARG A 80 -11.56 18.15 4.25
N ASN A 81 -11.95 18.68 3.10
CA ASN A 81 -13.20 18.28 2.42
C ASN A 81 -13.19 16.78 2.11
N MET A 82 -12.05 16.28 1.65
CA MET A 82 -11.89 14.86 1.35
C MET A 82 -11.95 14.00 2.63
N VAL A 83 -11.24 14.40 3.68
CA VAL A 83 -11.27 13.63 4.92
C VAL A 83 -12.68 13.59 5.53
N THR A 84 -13.36 14.72 5.53
CA THR A 84 -14.73 14.79 6.05
C THR A 84 -15.69 13.92 5.23
N ARG A 85 -15.68 14.09 3.91
CA ARG A 85 -16.55 13.32 3.04
C ARG A 85 -16.28 11.80 3.11
N CYS A 86 -15.01 11.42 3.15
CA CYS A 86 -14.68 10.02 3.25
C CYS A 86 -15.10 9.45 4.61
N ASN A 87 -14.76 10.14 5.70
CA ASN A 87 -15.17 9.69 7.02
C ASN A 87 -16.71 9.61 7.16
N ASN A 88 -17.42 10.55 6.53
CA ASN A 88 -18.87 10.57 6.58
C ASN A 88 -19.50 9.33 5.91
N VAL A 89 -18.76 8.66 5.04
CA VAL A 89 -19.26 7.42 4.42
C VAL A 89 -18.50 6.18 4.94
N GLY A 90 -17.82 6.34 6.07
CA GLY A 90 -17.11 5.22 6.68
C GLY A 90 -15.84 4.72 6.00
N VAL A 91 -15.19 5.58 5.21
CA VAL A 91 -13.94 5.24 4.53
C VAL A 91 -12.82 6.11 5.12
N ARG A 92 -11.80 5.47 5.69
CA ARG A 92 -10.74 6.21 6.36
C ARG A 92 -9.61 6.74 5.47
N ILE A 93 -8.88 7.72 6.00
CA ILE A 93 -7.74 8.31 5.31
C ILE A 93 -6.45 8.08 6.10
N TYR A 94 -5.44 7.56 5.44
CA TYR A 94 -4.15 7.31 6.04
C TYR A 94 -3.11 8.15 5.31
N VAL A 95 -2.37 8.97 6.05
CA VAL A 95 -1.40 9.86 5.45
C VAL A 95 0.01 9.31 5.33
N ASP A 96 0.62 9.53 4.17
CA ASP A 96 1.99 9.15 3.93
C ASP A 96 2.83 10.26 4.60
N ALA A 97 3.35 9.98 5.80
CA ALA A 97 4.13 10.94 6.56
C ALA A 97 5.62 10.90 6.25
N VAL A 98 6.10 11.92 5.57
CA VAL A 98 7.52 12.03 5.22
C VAL A 98 8.16 12.87 6.31
N ILE A 99 8.67 12.17 7.33
CA ILE A 99 9.22 12.81 8.51
C ILE A 99 10.70 12.54 8.84
N ASN A 100 11.38 11.69 8.08
CA ASN A 100 12.80 11.42 8.34
C ASN A 100 13.69 12.53 7.81
N HIS A 101 13.19 13.24 6.80
CA HIS A 101 14.00 14.21 6.09
C HIS A 101 13.25 15.34 5.45
N MET A 102 14.01 16.34 5.00
CA MET A 102 13.46 17.40 4.21
C MET A 102 13.95 17.11 2.76
N CYS A 103 14.17 18.10 1.90
CA CYS A 103 14.58 17.80 0.54
C CYS A 103 16.09 17.50 0.35
N GLY A 104 16.50 17.23 -0.89
CA GLY A 104 17.90 16.95 -1.18
C GLY A 104 18.79 18.14 -0.85
N ASN A 105 19.97 17.87 -0.32
CA ASN A 105 20.90 18.92 0.07
C ASN A 105 21.40 19.76 -1.12
N ALA A 106 21.33 19.22 -2.33
CA ALA A 106 21.79 19.95 -3.50
C ALA A 106 20.67 20.67 -4.26
N VAL A 107 19.44 20.59 -3.78
CA VAL A 107 18.35 21.30 -4.43
C VAL A 107 18.57 22.80 -4.32
N SER A 108 18.35 23.55 -5.40
CA SER A 108 18.57 24.98 -5.37
C SER A 108 17.61 25.75 -4.45
N ALA A 109 18.13 26.77 -3.76
CA ALA A 109 17.31 27.59 -2.88
C ALA A 109 16.34 28.44 -3.67
N GLY A 110 15.22 28.81 -3.05
CA GLY A 110 14.24 29.62 -3.76
C GLY A 110 12.84 29.27 -3.36
N THR A 111 11.90 29.48 -4.27
CA THR A 111 10.50 29.21 -4.03
C THR A 111 9.93 28.15 -5.00
N SER A 112 10.77 27.24 -5.47
CA SER A 112 10.32 26.19 -6.36
C SER A 112 9.71 25.06 -5.52
N SER A 113 8.54 25.38 -4.96
CA SER A 113 7.83 24.49 -4.06
C SER A 113 6.34 24.49 -4.37
N THR A 114 5.60 23.46 -3.97
CA THR A 114 4.18 23.41 -4.32
C THR A 114 3.29 24.50 -3.70
N CYS A 115 3.76 25.21 -2.68
CA CYS A 115 2.98 26.31 -2.13
C CYS A 115 3.74 27.64 -2.19
N GLY A 116 4.86 27.65 -2.91
CA GLY A 116 5.64 28.87 -3.03
C GLY A 116 6.47 29.26 -1.81
N SER A 117 6.54 28.39 -0.82
CA SER A 117 7.33 28.70 0.36
C SER A 117 8.82 28.77 0.04
N TYR A 118 9.53 29.68 0.68
CA TYR A 118 10.96 29.77 0.45
C TYR A 118 11.71 28.71 1.23
N PHE A 119 12.82 28.22 0.68
CA PHE A 119 13.63 27.23 1.34
C PHE A 119 15.05 27.25 0.79
N ASN A 120 16.03 26.98 1.64
CA ASN A 120 17.43 26.99 1.21
C ASN A 120 18.13 25.74 1.78
N PRO A 121 18.14 24.63 1.01
CA PRO A 121 18.78 23.37 1.46
C PRO A 121 20.24 23.57 1.87
N GLY A 122 21.00 24.32 1.07
CA GLY A 122 22.41 24.58 1.37
C GLY A 122 22.65 25.12 2.77
N SER A 123 21.84 26.07 3.20
CA SER A 123 22.00 26.65 4.52
C SER A 123 21.05 26.02 5.57
N ARG A 124 20.43 24.90 5.20
CA ARG A 124 19.52 24.17 6.08
C ARG A 124 18.35 25.05 6.59
N ASP A 125 17.90 25.98 5.76
CA ASP A 125 16.85 26.91 6.15
C ASP A 125 15.48 26.61 5.52
N PHE A 126 14.52 26.19 6.33
CA PHE A 126 13.17 25.92 5.91
C PHE A 126 12.27 26.77 6.80
N PRO A 127 12.20 28.10 6.53
CA PRO A 127 11.38 29.01 7.37
C PRO A 127 9.89 28.76 7.48
N ALA A 128 9.30 28.04 6.52
CA ALA A 128 7.87 27.75 6.56
C ALA A 128 7.53 26.76 7.69
N VAL A 129 8.52 25.94 8.03
CA VAL A 129 8.49 25.03 9.17
C VAL A 129 9.72 25.47 9.85
N PRO A 130 9.63 26.35 10.85
CA PRO A 130 10.89 26.75 11.46
C PRO A 130 11.88 25.63 11.70
N TYR A 131 12.73 25.41 10.70
CA TYR A 131 13.81 24.44 10.73
C TYR A 131 15.09 25.15 10.29
N SER A 132 16.17 24.96 11.04
CA SER A 132 17.44 25.58 10.72
C SER A 132 18.54 24.53 10.75
N GLY A 133 19.81 24.93 10.59
CA GLY A 133 20.88 23.95 10.62
C GLY A 133 20.93 23.16 11.92
N TRP A 134 20.41 23.73 12.99
CA TRP A 134 20.39 23.07 14.30
C TRP A 134 19.46 21.85 14.33
N ASP A 135 18.60 21.73 13.34
CA ASP A 135 17.62 20.65 13.28
C ASP A 135 17.97 19.47 12.36
N PHE A 136 19.20 19.41 11.89
CA PHE A 136 19.65 18.34 11.01
C PHE A 136 20.82 17.54 11.59
N ASN A 137 21.03 16.32 11.08
CA ASN A 137 22.06 15.44 11.59
C ASN A 137 23.47 15.61 10.99
N ASP A 138 23.74 16.75 10.36
CA ASP A 138 25.05 16.97 9.76
C ASP A 138 26.22 16.73 10.73
N GLY A 139 26.10 17.17 11.96
CA GLY A 139 27.16 16.96 12.94
C GLY A 139 27.18 15.61 13.61
N LYS A 140 26.10 14.83 13.45
CA LYS A 140 25.97 13.51 14.07
C LYS A 140 26.43 12.37 13.14
N CYS A 141 26.20 12.52 11.84
CA CYS A 141 26.61 11.52 10.85
C CYS A 141 28.14 11.37 10.80
N LYS A 142 28.64 10.14 10.79
CA LYS A 142 30.08 9.88 10.79
C LYS A 142 30.67 9.50 9.42
N THR A 143 29.89 9.44 8.35
CA THR A 143 30.45 9.05 7.05
C THR A 143 31.23 10.18 6.37
N GLY A 144 32.19 9.83 5.52
CA GLY A 144 32.95 10.85 4.82
C GLY A 144 32.15 11.70 3.85
N SER A 145 31.05 11.14 3.32
CA SER A 145 30.22 11.88 2.37
C SER A 145 29.04 12.61 3.02
N GLY A 146 28.65 12.20 4.21
CA GLY A 146 27.49 12.79 4.87
C GLY A 146 26.23 12.02 4.50
N ASP A 147 26.35 11.12 3.53
CA ASP A 147 25.23 10.30 3.07
C ASP A 147 25.35 8.86 3.58
N ILE A 148 24.29 8.06 3.45
CA ILE A 148 24.37 6.66 3.84
C ILE A 148 25.24 5.95 2.80
N GLU A 149 26.26 5.23 3.25
CA GLU A 149 27.18 4.56 2.36
C GLU A 149 27.19 3.03 2.51
N ASN A 150 26.91 2.55 3.72
CA ASN A 150 26.98 1.13 4.03
C ASN A 150 25.86 0.68 4.95
N TYR A 151 24.94 -0.13 4.43
CA TYR A 151 23.82 -0.60 5.22
C TYR A 151 24.19 -1.65 6.30
N ASN A 152 25.46 -2.03 6.37
CA ASN A 152 25.90 -2.96 7.39
C ASN A 152 26.18 -2.20 8.72
N ASP A 153 26.12 -0.88 8.66
CA ASP A 153 26.29 -0.02 9.84
C ASP A 153 24.93 0.61 10.17
N ALA A 154 24.21 0.03 11.12
CA ALA A 154 22.89 0.52 11.49
C ALA A 154 22.85 1.97 11.96
N THR A 155 23.93 2.49 12.50
CA THR A 155 23.94 3.88 12.97
C THR A 155 23.87 4.86 11.80
N GLN A 156 24.73 4.63 10.83
CA GLN A 156 24.86 5.41 9.65
C GLN A 156 23.51 5.49 8.85
N VAL A 157 22.79 4.37 8.79
CA VAL A 157 21.50 4.30 8.12
C VAL A 157 20.46 5.25 8.73
N ARG A 158 20.59 5.52 10.02
CA ARG A 158 19.67 6.40 10.74
C ARG A 158 20.15 7.86 10.85
N ASP A 159 21.44 8.08 10.98
CA ASP A 159 21.98 9.41 11.21
C ASP A 159 22.50 10.15 9.97
N CYS A 160 22.60 9.45 8.84
CA CYS A 160 23.11 10.07 7.64
C CYS A 160 22.05 10.29 6.56
N ARG A 161 22.38 11.05 5.53
CA ARG A 161 21.42 11.36 4.50
C ARG A 161 21.11 10.25 3.51
N LEU A 162 19.83 9.89 3.39
CA LEU A 162 19.40 8.89 2.42
C LEU A 162 19.53 9.52 1.03
N THR A 163 20.49 9.06 0.24
CA THR A 163 20.73 9.64 -1.09
C THR A 163 20.68 11.17 -1.10
N GLY A 164 21.37 11.79 -0.13
CA GLY A 164 21.44 13.24 -0.04
C GLY A 164 20.30 13.99 0.59
N LEU A 165 19.23 13.29 0.97
CA LEU A 165 18.09 13.95 1.59
C LEU A 165 18.44 14.48 2.99
N LEU A 166 18.28 15.78 3.23
CA LEU A 166 18.60 16.35 4.53
C LEU A 166 17.94 15.58 5.67
N ASP A 167 18.75 15.01 6.55
CA ASP A 167 18.27 14.17 7.63
C ASP A 167 17.92 14.92 8.92
N LEU A 168 16.65 14.91 9.29
CA LEU A 168 16.22 15.61 10.49
C LEU A 168 16.76 15.01 11.79
N ALA A 169 17.12 15.87 12.75
CA ALA A 169 17.62 15.41 14.05
C ALA A 169 16.45 15.00 14.91
N LEU A 170 15.95 13.81 14.67
CA LEU A 170 14.79 13.29 15.35
C LEU A 170 14.94 13.04 16.86
N GLU A 171 16.14 13.21 17.40
CA GLU A 171 16.35 13.05 18.82
C GLU A 171 15.95 14.33 19.57
N LYS A 172 15.90 15.43 18.84
CA LYS A 172 15.56 16.74 19.40
C LYS A 172 14.08 16.91 19.70
N ASP A 173 13.72 17.34 20.90
CA ASP A 173 12.31 17.53 21.20
C ASP A 173 11.67 18.57 20.28
N TYR A 174 12.43 19.61 19.89
CA TYR A 174 11.86 20.60 18.98
C TYR A 174 11.45 19.96 17.65
N VAL A 175 12.31 19.15 17.06
CA VAL A 175 12.00 18.49 15.80
C VAL A 175 10.84 17.51 15.98
N ARG A 176 10.89 16.69 17.02
CA ARG A 176 9.80 15.77 17.31
C ARG A 176 8.47 16.53 17.46
N SER A 177 8.52 17.70 18.09
CA SER A 177 7.34 18.53 18.31
C SER A 177 6.80 19.18 17.04
N LYS A 178 7.68 19.59 16.12
CA LYS A 178 7.20 20.16 14.85
C LYS A 178 6.55 19.05 14.00
N ILE A 179 7.10 17.85 14.05
CA ILE A 179 6.52 16.71 13.33
C ILE A 179 5.19 16.34 13.98
N ALA A 180 5.12 16.30 15.31
CA ALA A 180 3.87 15.98 15.98
C ALA A 180 2.81 17.07 15.73
N GLU A 181 3.24 18.32 15.63
CA GLU A 181 2.32 19.43 15.34
C GLU A 181 1.64 19.18 13.98
N TYR A 182 2.42 18.76 13.00
CA TYR A 182 1.93 18.44 11.68
C TYR A 182 0.99 17.23 11.72
N MET A 183 1.44 16.15 12.35
CA MET A 183 0.63 14.95 12.44
C MET A 183 -0.65 15.16 13.26
N ASN A 184 -0.59 15.97 14.32
CA ASN A 184 -1.79 16.23 15.11
C ASN A 184 -2.79 17.13 14.36
N HIS A 185 -2.29 18.00 13.49
CA HIS A 185 -3.16 18.83 12.67
C HIS A 185 -3.98 17.88 11.77
N LEU A 186 -3.30 16.88 11.22
CA LEU A 186 -3.94 15.87 10.37
C LEU A 186 -4.91 14.98 11.17
N ILE A 187 -4.52 14.52 12.36
CA ILE A 187 -5.40 13.70 13.18
C ILE A 187 -6.66 14.49 13.54
N ASP A 188 -6.51 15.74 13.96
CA ASP A 188 -7.65 16.54 14.33
C ASP A 188 -8.56 16.85 13.12
N ILE A 189 -8.00 16.80 11.91
CA ILE A 189 -8.79 16.98 10.69
C ILE A 189 -9.64 15.72 10.45
N GLY A 190 -9.18 14.57 10.95
CA GLY A 190 -9.94 13.33 10.79
C GLY A 190 -9.17 12.14 10.25
N VAL A 191 -7.86 12.27 9.99
CA VAL A 191 -7.13 11.11 9.47
C VAL A 191 -7.08 9.98 10.50
N ALA A 192 -7.10 8.75 10.04
CA ALA A 192 -7.13 7.58 10.92
C ALA A 192 -5.78 6.96 11.20
N GLY A 193 -4.74 7.40 10.50
CA GLY A 193 -3.45 6.79 10.72
C GLY A 193 -2.42 7.26 9.72
N PHE A 194 -1.26 6.61 9.76
CA PHE A 194 -0.17 7.03 8.92
C PHE A 194 0.77 5.95 8.44
N ARG A 195 1.31 6.17 7.25
CA ARG A 195 2.37 5.36 6.69
C ARG A 195 3.63 6.15 7.08
N LEU A 196 4.51 5.61 7.89
CA LEU A 196 5.71 6.35 8.23
C LEU A 196 6.81 6.07 7.21
N ASP A 197 6.98 7.00 6.28
CA ASP A 197 7.97 6.86 5.22
C ASP A 197 9.40 6.71 5.74
N ALA A 198 10.23 5.91 5.05
CA ALA A 198 11.63 5.74 5.42
C ALA A 198 11.87 5.39 6.90
N SER A 199 11.04 4.53 7.47
CA SER A 199 11.20 4.16 8.87
C SER A 199 12.53 3.48 9.21
N LYS A 200 13.12 2.75 8.29
CA LYS A 200 14.42 2.12 8.54
C LYS A 200 15.49 3.20 8.81
N HIS A 201 15.25 4.41 8.32
CA HIS A 201 16.19 5.52 8.47
C HIS A 201 15.96 6.34 9.73
N MET A 202 15.03 5.87 10.56
CA MET A 202 14.73 6.52 11.83
C MET A 202 14.93 5.52 12.98
N TRP A 203 15.40 5.99 14.13
CA TRP A 203 15.55 5.10 15.26
C TRP A 203 14.20 4.72 15.86
N PRO A 204 13.97 3.45 16.20
CA PRO A 204 12.68 3.05 16.78
C PRO A 204 12.27 3.96 17.96
N GLY A 205 13.24 4.36 18.78
CA GLY A 205 12.97 5.21 19.93
C GLY A 205 12.56 6.63 19.58
N ASP A 206 13.10 7.15 18.48
CA ASP A 206 12.72 8.49 18.04
C ASP A 206 11.29 8.45 17.50
N ILE A 207 10.96 7.41 16.74
CA ILE A 207 9.59 7.26 16.26
C ILE A 207 8.64 7.17 17.45
N LYS A 208 8.98 6.34 18.44
CA LYS A 208 8.16 6.20 19.64
C LYS A 208 7.94 7.55 20.34
N ALA A 209 9.00 8.37 20.47
CA ALA A 209 8.86 9.67 21.10
C ALA A 209 7.91 10.57 20.33
N ILE A 210 7.89 10.47 19.00
CA ILE A 210 6.97 11.26 18.19
C ILE A 210 5.55 10.73 18.36
N LEU A 211 5.38 9.42 18.29
CA LEU A 211 4.07 8.82 18.46
C LEU A 211 3.44 9.13 19.83
N ASP A 212 4.29 9.24 20.85
CA ASP A 212 3.81 9.56 22.19
C ASP A 212 3.23 11.00 22.29
N LYS A 213 3.52 11.84 21.31
CA LYS A 213 3.02 13.20 21.26
C LYS A 213 1.71 13.29 20.45
N LEU A 214 1.28 12.18 19.87
CA LEU A 214 0.10 12.20 19.03
C LEU A 214 -1.23 12.04 19.75
N HIS A 215 -2.25 12.70 19.23
CA HIS A 215 -3.58 12.62 19.78
C HIS A 215 -4.29 11.33 19.41
N ASN A 216 -5.38 11.05 20.10
CA ASN A 216 -6.20 9.93 19.71
C ASN A 216 -7.08 10.46 18.55
N LEU A 217 -7.73 9.59 17.79
CA LEU A 217 -8.50 10.04 16.65
C LEU A 217 -9.66 11.00 16.99
N ASN A 218 -10.05 11.83 16.04
CA ASN A 218 -11.11 12.82 16.24
C ASN A 218 -12.40 12.14 16.73
N SER A 219 -12.82 12.51 17.93
CA SER A 219 -13.97 11.91 18.59
C SER A 219 -15.35 12.18 17.97
N ASN A 220 -15.41 12.98 16.91
CA ASN A 220 -16.66 13.20 16.21
C ASN A 220 -16.96 12.01 15.27
N TRP A 221 -15.91 11.26 14.90
CA TRP A 221 -16.02 10.10 14.01
C TRP A 221 -15.57 8.78 14.61
N PHE A 222 -14.64 8.83 15.56
CA PHE A 222 -14.07 7.65 16.16
C PHE A 222 -14.33 7.49 17.65
N PRO A 223 -14.44 6.23 18.15
CA PRO A 223 -14.69 6.05 19.60
C PRO A 223 -13.57 6.66 20.42
N ALA A 224 -13.88 7.08 21.64
CA ALA A 224 -12.86 7.66 22.50
C ALA A 224 -11.67 6.74 22.72
N GLY A 225 -10.46 7.30 22.75
CA GLY A 225 -9.28 6.48 22.98
C GLY A 225 -8.74 5.72 21.79
N SER A 226 -9.22 6.02 20.59
CA SER A 226 -8.72 5.35 19.38
C SER A 226 -7.33 5.85 18.99
N LYS A 227 -6.32 4.98 19.04
CA LYS A 227 -4.98 5.40 18.67
C LYS A 227 -4.80 5.36 17.13
N PRO A 228 -4.09 6.35 16.55
CA PRO A 228 -3.91 6.30 15.09
C PRO A 228 -3.20 5.04 14.64
N PHE A 229 -3.63 4.48 13.51
CA PHE A 229 -3.02 3.30 12.95
C PHE A 229 -1.64 3.68 12.43
N ILE A 230 -0.61 2.94 12.81
CA ILE A 230 0.74 3.24 12.36
C ILE A 230 1.37 2.08 11.61
N TYR A 231 1.75 2.30 10.35
CA TYR A 231 2.47 1.28 9.64
C TYR A 231 3.76 1.90 9.13
N GLN A 232 4.85 1.37 9.61
CA GLN A 232 6.14 1.87 9.35
C GLN A 232 6.79 1.27 8.07
N GLU A 233 7.21 2.10 7.12
CA GLU A 233 7.85 1.58 5.91
C GLU A 233 9.29 1.18 6.20
N VAL A 234 9.48 -0.08 6.55
CA VAL A 234 10.79 -0.60 6.82
C VAL A 234 11.10 -1.66 5.79
N ILE A 235 12.13 -1.43 4.97
CA ILE A 235 12.52 -2.41 3.98
C ILE A 235 13.53 -3.37 4.61
N ASP A 236 13.10 -4.58 4.92
CA ASP A 236 13.95 -5.58 5.54
C ASP A 236 13.82 -6.91 4.81
N LEU A 237 14.80 -7.23 3.98
CA LEU A 237 14.77 -8.47 3.23
C LEU A 237 15.67 -9.55 3.86
N GLY A 238 16.14 -9.30 5.07
CA GLY A 238 16.95 -10.27 5.80
C GLY A 238 18.47 -10.21 5.69
N GLY A 239 19.01 -9.42 4.78
CA GLY A 239 20.46 -9.38 4.65
C GLY A 239 21.24 -8.30 5.38
N GLU A 240 20.58 -7.53 6.23
CA GLU A 240 21.26 -6.44 6.95
C GLU A 240 21.04 -6.48 8.49
N PRO A 241 21.82 -5.71 9.27
CA PRO A 241 21.67 -5.69 10.74
C PRO A 241 20.32 -5.13 11.20
N ILE A 242 19.76 -4.17 10.47
CA ILE A 242 18.46 -3.63 10.86
C ILE A 242 17.33 -4.60 10.59
N LYS A 243 16.60 -4.92 11.65
CA LYS A 243 15.46 -5.84 11.57
C LYS A 243 14.16 -5.08 11.84
N SER A 244 13.12 -5.32 11.06
CA SER A 244 11.87 -4.59 11.29
C SER A 244 11.25 -4.89 12.66
N SER A 245 11.64 -5.99 13.29
CA SER A 245 11.12 -6.32 14.61
C SER A 245 11.49 -5.24 15.66
N ASP A 246 12.56 -4.50 15.44
CA ASP A 246 12.95 -3.44 16.36
C ASP A 246 11.87 -2.33 16.41
N TYR A 247 10.96 -2.33 15.43
CA TYR A 247 9.90 -1.33 15.33
C TYR A 247 8.52 -1.80 15.80
N PHE A 248 8.40 -3.03 16.26
CA PHE A 248 7.09 -3.55 16.68
C PHE A 248 6.41 -2.78 17.82
N GLY A 249 7.18 -2.11 18.68
CA GLY A 249 6.57 -1.36 19.77
C GLY A 249 5.92 -0.06 19.36
N ASN A 250 6.07 0.31 18.09
CA ASN A 250 5.52 1.55 17.55
C ASN A 250 4.26 1.35 16.70
N GLY A 251 4.14 0.19 16.08
CA GLY A 251 3.00 -0.10 15.24
C GLY A 251 3.35 -1.22 14.29
N ARG A 252 2.60 -1.35 13.22
CA ARG A 252 2.87 -2.37 12.24
C ARG A 252 4.06 -1.98 11.35
N VAL A 253 4.54 -2.91 10.54
CA VAL A 253 5.62 -2.66 9.62
C VAL A 253 5.29 -3.23 8.25
N THR A 254 5.74 -2.59 7.20
CA THR A 254 5.55 -3.11 5.87
C THR A 254 6.36 -4.40 5.72
N GLU A 255 5.76 -5.47 5.22
CA GLU A 255 6.51 -6.71 5.02
C GLU A 255 6.86 -6.84 3.53
N PHE A 256 8.00 -6.29 3.14
CA PHE A 256 8.43 -6.34 1.76
C PHE A 256 8.81 -7.73 1.26
N LYS A 257 9.06 -8.66 2.18
CA LYS A 257 9.37 -10.02 1.78
C LYS A 257 8.12 -10.68 1.16
N TYR A 258 6.95 -10.21 1.57
CA TYR A 258 5.68 -10.74 1.10
C TYR A 258 5.50 -10.63 -0.42
N GLY A 259 5.57 -9.42 -0.96
CA GLY A 259 5.44 -9.23 -2.38
C GLY A 259 6.62 -9.78 -3.16
N ALA A 260 7.82 -9.72 -2.57
CA ALA A 260 9.01 -10.26 -3.24
C ALA A 260 8.88 -11.77 -3.44
N LYS A 261 8.53 -12.49 -2.39
CA LYS A 261 8.39 -13.94 -2.49
C LYS A 261 7.12 -14.37 -3.25
N LEU A 262 6.01 -13.63 -3.11
CA LEU A 262 4.82 -14.00 -3.86
C LEU A 262 5.10 -13.80 -5.36
N GLY A 263 5.93 -12.81 -5.68
CA GLY A 263 6.30 -12.58 -7.06
C GLY A 263 7.19 -13.70 -7.60
N THR A 264 8.19 -14.14 -6.84
CA THR A 264 9.04 -15.24 -7.32
C THR A 264 8.25 -16.56 -7.42
N VAL A 265 7.32 -16.79 -6.50
CA VAL A 265 6.51 -18.00 -6.53
C VAL A 265 5.57 -18.01 -7.74
N ILE A 266 4.84 -16.93 -7.97
CA ILE A 266 3.91 -16.88 -9.09
C ILE A 266 4.63 -16.81 -10.44
N ARG A 267 5.81 -16.19 -10.49
CA ARG A 267 6.59 -16.19 -11.72
C ARG A 267 7.36 -17.52 -11.86
N LYS A 268 7.32 -18.33 -10.81
CA LYS A 268 7.99 -19.64 -10.79
C LYS A 268 9.51 -19.54 -10.95
N TRP A 269 10.09 -18.50 -10.37
CA TRP A 269 11.52 -18.31 -10.43
C TRP A 269 12.26 -19.34 -9.57
N ASN A 270 13.41 -19.78 -10.05
CA ASN A 270 14.24 -20.77 -9.40
C ASN A 270 13.48 -21.98 -8.80
N GLY A 271 12.58 -22.52 -9.61
CA GLY A 271 11.80 -23.68 -9.25
C GLY A 271 10.67 -23.52 -8.24
N GLU A 272 10.43 -22.30 -7.78
CA GLU A 272 9.37 -22.07 -6.81
C GLU A 272 7.98 -22.42 -7.37
N LYS A 273 7.09 -22.89 -6.48
CA LYS A 273 5.76 -23.33 -6.88
C LYS A 273 4.68 -22.88 -5.89
N MET A 274 3.44 -22.72 -6.35
CA MET A 274 2.35 -22.33 -5.45
C MET A 274 2.09 -23.40 -4.37
N SER A 275 2.43 -24.66 -4.64
CA SER A 275 2.23 -25.72 -3.65
C SER A 275 3.07 -25.47 -2.38
N TYR A 276 4.10 -24.64 -2.52
CA TYR A 276 4.97 -24.29 -1.40
C TYR A 276 4.32 -23.24 -0.46
N LEU A 277 3.18 -22.68 -0.86
CA LEU A 277 2.50 -21.65 -0.08
C LEU A 277 1.62 -22.16 1.07
N LYS A 278 1.57 -23.45 1.35
CA LYS A 278 0.74 -23.95 2.45
C LYS A 278 1.09 -23.26 3.78
N ASN A 279 2.37 -23.05 4.03
CA ASN A 279 2.83 -22.42 5.25
C ASN A 279 3.14 -20.93 5.09
N TRP A 280 2.51 -20.30 4.12
CA TRP A 280 2.68 -18.88 3.85
C TRP A 280 2.46 -18.03 5.11
N GLY A 281 3.29 -17.02 5.31
CA GLY A 281 3.17 -16.18 6.51
C GLY A 281 4.45 -16.29 7.34
N GLU A 282 4.30 -16.40 8.66
CA GLU A 282 5.45 -16.51 9.54
C GLU A 282 6.40 -17.67 9.15
N GLY A 283 5.84 -18.75 8.63
CA GLY A 283 6.65 -19.90 8.20
C GLY A 283 7.68 -19.57 7.12
N TRP A 284 7.45 -18.48 6.41
CA TRP A 284 8.37 -18.04 5.37
C TRP A 284 9.37 -17.00 5.89
N GLY A 285 9.44 -16.85 7.20
CA GLY A 285 10.36 -15.88 7.81
C GLY A 285 9.80 -14.47 7.89
N PHE A 286 8.50 -14.32 7.72
CA PHE A 286 7.87 -13.01 7.79
C PHE A 286 7.55 -12.55 9.22
N VAL A 287 7.28 -11.25 9.39
CA VAL A 287 6.92 -10.73 10.71
C VAL A 287 5.59 -11.29 11.19
N PRO A 288 5.26 -11.15 12.49
CA PRO A 288 3.97 -11.68 12.98
C PRO A 288 2.82 -11.03 12.18
N SER A 289 1.80 -11.80 11.87
CA SER A 289 0.68 -11.29 11.10
C SER A 289 0.06 -10.00 11.69
N ASP A 290 -0.04 -9.94 13.01
CA ASP A 290 -0.61 -8.77 13.67
C ASP A 290 0.29 -7.52 13.64
N ARG A 291 1.45 -7.63 13.02
CA ARG A 291 2.36 -6.49 12.88
C ARG A 291 2.68 -6.26 11.39
N ALA A 292 1.99 -6.96 10.50
CA ALA A 292 2.25 -6.85 9.06
C ALA A 292 1.28 -6.04 8.24
N LEU A 293 1.85 -5.21 7.38
CA LEU A 293 1.11 -4.47 6.39
C LEU A 293 1.60 -5.11 5.09
N VAL A 294 0.72 -5.84 4.41
CA VAL A 294 1.11 -6.56 3.21
C VAL A 294 0.55 -5.98 1.92
N PHE A 295 1.23 -6.33 0.83
CA PHE A 295 0.91 -5.82 -0.48
C PHE A 295 1.69 -6.58 -1.54
N VAL A 296 1.19 -6.63 -2.77
CA VAL A 296 1.92 -7.30 -3.84
C VAL A 296 2.99 -6.36 -4.36
N ASP A 297 2.60 -5.11 -4.56
CA ASP A 297 3.49 -4.06 -5.00
C ASP A 297 3.17 -2.73 -4.36
N ASN A 298 4.12 -1.80 -4.35
CA ASN A 298 3.87 -0.47 -3.83
C ASN A 298 4.26 0.55 -4.89
N HIS A 299 4.04 1.83 -4.66
CA HIS A 299 4.35 2.84 -5.66
C HIS A 299 5.81 2.88 -6.11
N ASP A 300 6.73 2.52 -5.23
CA ASP A 300 8.16 2.53 -5.58
C ASP A 300 8.62 1.25 -6.29
N ASN A 301 8.38 0.09 -5.68
CA ASN A 301 8.85 -1.13 -6.27
C ASN A 301 8.09 -1.59 -7.53
N GLN A 302 6.95 -0.99 -7.83
CA GLN A 302 6.26 -1.36 -9.06
C GLN A 302 7.05 -0.83 -10.29
N ARG A 303 8.07 -0.01 -10.02
CA ARG A 303 8.91 0.53 -11.07
C ARG A 303 10.15 -0.34 -11.38
N GLY A 304 10.28 -1.48 -10.69
CA GLY A 304 11.37 -2.40 -10.97
C GLY A 304 12.69 -2.36 -10.24
N HIS A 305 13.05 -1.21 -9.68
CA HIS A 305 14.31 -1.11 -8.99
C HIS A 305 14.19 -0.80 -7.49
N GLY A 306 13.16 -1.34 -6.85
CA GLY A 306 12.93 -1.13 -5.43
C GLY A 306 13.11 -2.39 -4.59
N ALA A 307 12.42 -2.49 -3.45
CA ALA A 307 12.53 -3.66 -2.59
C ALA A 307 11.85 -4.88 -3.22
N GLY A 308 12.67 -5.82 -3.69
CA GLY A 308 12.14 -7.01 -4.34
C GLY A 308 12.67 -7.14 -5.77
N GLY A 309 13.12 -6.03 -6.35
CA GLY A 309 13.64 -6.05 -7.71
C GLY A 309 12.63 -6.36 -8.81
N ALA A 310 13.06 -7.15 -9.79
CA ALA A 310 12.20 -7.50 -10.92
C ALA A 310 11.17 -8.59 -10.63
N SER A 311 11.20 -9.19 -9.45
CA SER A 311 10.22 -10.22 -9.12
C SER A 311 8.84 -9.64 -8.83
N ILE A 312 8.79 -8.35 -8.46
CA ILE A 312 7.53 -7.69 -8.14
C ILE A 312 6.52 -7.70 -9.27
N LEU A 313 5.31 -8.15 -8.99
CA LEU A 313 4.23 -8.18 -9.96
C LEU A 313 3.45 -6.89 -9.90
N THR A 314 3.06 -6.37 -11.06
CA THR A 314 2.34 -5.10 -11.15
C THR A 314 1.19 -5.19 -12.16
N PHE A 315 0.44 -4.11 -12.34
CA PHE A 315 -0.65 -4.09 -13.30
C PHE A 315 -0.17 -4.41 -14.73
N TRP A 316 1.11 -4.15 -15.02
CA TRP A 316 1.67 -4.46 -16.33
C TRP A 316 1.59 -5.97 -16.61
N ASP A 317 1.68 -6.77 -15.55
CA ASP A 317 1.59 -8.23 -15.62
C ASP A 317 0.16 -8.60 -15.15
N ALA A 318 -0.84 -7.91 -15.70
CA ALA A 318 -2.25 -8.08 -15.29
C ALA A 318 -2.74 -9.47 -14.89
N ARG A 319 -2.59 -10.46 -15.75
CA ARG A 319 -3.06 -11.81 -15.44
C ARG A 319 -2.44 -12.40 -14.17
N LEU A 320 -1.11 -12.42 -14.08
CA LEU A 320 -0.46 -12.95 -12.89
C LEU A 320 -0.69 -12.04 -11.67
N TYR A 321 -0.80 -10.74 -11.92
CA TYR A 321 -1.03 -9.77 -10.86
C TYR A 321 -2.38 -10.01 -10.15
N LYS A 322 -3.43 -10.19 -10.93
CA LYS A 322 -4.75 -10.45 -10.35
C LYS A 322 -4.71 -11.73 -9.49
N MET A 323 -3.97 -12.73 -9.93
CA MET A 323 -3.83 -13.97 -9.18
C MET A 323 -3.06 -13.74 -7.86
N ALA A 324 -1.98 -12.96 -7.91
CA ALA A 324 -1.21 -12.66 -6.69
C ALA A 324 -2.04 -11.85 -5.72
N VAL A 325 -2.72 -10.82 -6.21
CA VAL A 325 -3.58 -10.01 -5.36
C VAL A 325 -4.71 -10.88 -4.79
N GLY A 326 -5.23 -11.79 -5.60
CA GLY A 326 -6.29 -12.69 -5.15
C GLY A 326 -5.81 -13.58 -4.02
N PHE A 327 -4.62 -14.17 -4.17
CA PHE A 327 -4.08 -15.02 -3.12
C PHE A 327 -3.88 -14.21 -1.82
N MET A 328 -3.32 -13.01 -1.95
CA MET A 328 -3.12 -12.14 -0.80
C MET A 328 -4.43 -11.80 -0.08
N LEU A 329 -5.44 -11.38 -0.85
CA LEU A 329 -6.71 -11.01 -0.27
C LEU A 329 -7.49 -12.19 0.34
N ALA A 330 -7.21 -13.41 -0.12
CA ALA A 330 -7.87 -14.59 0.44
C ALA A 330 -7.15 -15.13 1.66
N HIS A 331 -5.84 -14.95 1.71
CA HIS A 331 -5.04 -15.47 2.81
C HIS A 331 -5.14 -14.60 4.09
N PRO A 332 -5.32 -15.21 5.28
CA PRO A 332 -5.43 -14.43 6.54
C PRO A 332 -4.25 -13.59 7.01
N TYR A 333 -3.06 -13.87 6.51
CA TYR A 333 -1.89 -13.13 6.96
C TYR A 333 -1.86 -11.63 6.65
N GLY A 334 -1.61 -10.84 7.70
CA GLY A 334 -1.48 -9.39 7.59
C GLY A 334 -2.68 -8.55 7.24
N PHE A 335 -2.47 -7.25 7.26
CA PHE A 335 -3.48 -6.29 6.88
C PHE A 335 -3.13 -5.85 5.46
N THR A 336 -4.08 -6.00 4.54
CA THR A 336 -3.85 -5.77 3.13
C THR A 336 -4.01 -4.38 2.56
N ARG A 337 -3.04 -3.98 1.73
CA ARG A 337 -3.08 -2.71 1.04
C ARG A 337 -3.07 -2.97 -0.46
N VAL A 338 -4.12 -2.55 -1.15
CA VAL A 338 -4.24 -2.72 -2.59
C VAL A 338 -3.65 -1.50 -3.28
N MET A 339 -2.88 -1.72 -4.34
CA MET A 339 -2.28 -0.64 -5.08
C MET A 339 -3.19 -0.11 -6.17
N SER A 340 -3.18 1.18 -6.40
CA SER A 340 -3.93 1.78 -7.49
C SER A 340 -2.97 2.76 -8.15
N SER A 341 -2.68 2.51 -9.42
CA SER A 341 -1.66 3.25 -10.13
C SER A 341 -2.08 4.07 -11.32
N TYR A 342 -1.11 4.73 -11.93
CA TYR A 342 -1.31 5.44 -13.15
C TYR A 342 -0.38 4.85 -14.20
N ARG A 343 -0.77 4.91 -15.46
CA ARG A 343 0.05 4.37 -16.51
C ARG A 343 1.09 5.40 -16.94
N TRP A 344 2.31 4.96 -17.25
CA TRP A 344 3.35 5.85 -17.69
C TRP A 344 4.08 5.21 -18.88
N PRO A 345 4.82 5.98 -19.70
CA PRO A 345 5.52 5.40 -20.86
C PRO A 345 6.74 4.58 -20.44
N ARG A 346 6.48 3.38 -19.91
CA ARG A 346 7.56 2.50 -19.46
C ARG A 346 8.45 2.12 -20.66
N GLN A 347 9.72 2.48 -20.58
CA GLN A 347 10.64 2.23 -21.67
C GLN A 347 11.95 1.58 -21.13
N PHE A 348 12.05 0.25 -21.27
CA PHE A 348 13.20 -0.49 -20.76
C PHE A 348 14.44 -0.40 -21.64
N GLN A 349 15.56 -0.05 -21.01
CA GLN A 349 16.80 0.16 -21.66
C GLN A 349 17.94 -0.53 -20.83
N ASN A 350 18.59 -1.58 -21.34
CA ASN A 350 19.61 -2.28 -20.58
C ASN A 350 19.07 -2.84 -19.24
N GLY A 351 17.83 -3.34 -19.29
CA GLY A 351 17.18 -3.93 -18.12
C GLY A 351 16.54 -2.99 -17.11
N ASN A 352 16.53 -1.69 -17.43
CA ASN A 352 15.97 -0.72 -16.52
C ASN A 352 15.05 0.32 -17.20
N ASP A 353 13.96 0.69 -16.55
CA ASP A 353 13.00 1.66 -17.12
C ASP A 353 13.51 3.10 -17.03
N VAL A 354 13.87 3.71 -18.17
CA VAL A 354 14.37 5.08 -18.13
C VAL A 354 13.30 6.11 -17.82
N ASN A 355 12.04 5.69 -17.85
CA ASN A 355 10.94 6.58 -17.56
C ASN A 355 10.28 6.30 -16.18
N ASP A 356 11.01 5.63 -15.30
CA ASP A 356 10.49 5.29 -13.97
C ASP A 356 10.24 6.52 -13.08
N TRP A 357 10.75 7.67 -13.51
CA TRP A 357 10.58 8.93 -12.78
C TRP A 357 9.26 9.66 -13.13
N VAL A 358 8.66 9.33 -14.27
CA VAL A 358 7.43 10.02 -14.71
C VAL A 358 6.37 10.15 -13.65
N GLY A 359 5.91 11.38 -13.44
CA GLY A 359 4.88 11.65 -12.45
C GLY A 359 3.51 11.30 -12.96
N PRO A 360 2.45 11.58 -12.19
CA PRO A 360 1.07 11.28 -12.59
C PRO A 360 0.61 11.98 -13.86
N PRO A 361 -0.45 11.46 -14.53
CA PRO A 361 -0.97 12.06 -15.77
C PRO A 361 -1.21 13.55 -15.48
N ASN A 362 -0.82 14.42 -16.40
CA ASN A 362 -0.93 15.85 -16.16
C ASN A 362 -1.00 16.71 -17.41
N ASN A 363 -1.51 17.92 -17.25
CA ASN A 363 -1.55 18.90 -18.30
C ASN A 363 -0.67 20.07 -17.83
N ASN A 364 0.52 20.21 -18.41
CA ASN A 364 1.47 21.25 -18.00
C ASN A 364 1.75 21.21 -16.47
N GLY A 365 1.90 20.02 -15.92
CA GLY A 365 2.19 19.89 -14.50
C GLY A 365 0.97 19.78 -13.59
N VAL A 366 -0.22 20.08 -14.11
CA VAL A 366 -1.44 19.97 -13.30
C VAL A 366 -2.02 18.57 -13.40
N ILE A 367 -2.07 17.84 -12.27
CA ILE A 367 -2.58 16.47 -12.28
C ILE A 367 -3.97 16.35 -12.89
N LYS A 368 -4.15 15.38 -13.77
CA LYS A 368 -5.41 15.16 -14.43
C LYS A 368 -6.47 14.57 -13.50
N GLU A 369 -7.73 14.93 -13.69
CA GLU A 369 -8.76 14.35 -12.86
C GLU A 369 -9.01 12.89 -13.23
N VAL A 370 -9.57 12.11 -12.31
CA VAL A 370 -9.86 10.72 -12.60
C VAL A 370 -11.24 10.59 -13.22
N THR A 371 -11.29 10.26 -14.50
CA THR A 371 -12.57 10.12 -15.17
C THR A 371 -13.09 8.67 -15.06
N ILE A 372 -14.39 8.49 -14.92
CA ILE A 372 -14.95 7.14 -14.82
C ILE A 372 -15.67 6.76 -16.11
N ASN A 373 -15.28 5.66 -16.73
CA ASN A 373 -15.90 5.18 -17.95
C ASN A 373 -17.19 4.39 -17.64
N PRO A 374 -18.17 4.32 -18.57
CA PRO A 374 -19.43 3.58 -18.32
C PRO A 374 -19.23 2.15 -17.81
N ASP A 375 -18.12 1.53 -18.15
CA ASP A 375 -17.82 0.17 -17.73
C ASP A 375 -17.11 0.10 -16.36
N THR A 376 -17.11 1.21 -15.63
CA THR A 376 -16.50 1.36 -14.31
C THR A 376 -14.97 1.41 -14.27
N THR A 377 -14.29 1.36 -15.42
CA THR A 377 -12.84 1.52 -15.43
C THR A 377 -12.51 3.02 -15.43
N CYS A 378 -11.25 3.40 -15.36
CA CYS A 378 -10.89 4.80 -15.35
C CYS A 378 -10.22 5.31 -16.62
N GLY A 379 -10.36 6.61 -16.91
CA GLY A 379 -9.72 7.19 -18.07
C GLY A 379 -8.57 8.07 -17.62
N ASN A 380 -8.06 8.91 -18.51
CA ASN A 380 -6.97 9.83 -18.20
C ASN A 380 -5.68 9.14 -17.68
N ASP A 381 -5.46 7.91 -18.15
CA ASP A 381 -4.30 7.11 -17.80
C ASP A 381 -4.23 6.59 -16.35
N TRP A 382 -5.35 6.62 -15.65
CA TRP A 382 -5.39 6.06 -14.31
C TRP A 382 -5.73 4.58 -14.43
N VAL A 383 -4.89 3.70 -13.89
CA VAL A 383 -5.13 2.25 -14.02
C VAL A 383 -6.33 1.76 -13.22
N CYS A 384 -6.50 2.28 -12.01
CA CYS A 384 -7.61 1.88 -11.18
C CYS A 384 -7.74 0.36 -10.95
N GLU A 385 -6.65 -0.28 -10.53
CA GLU A 385 -6.68 -1.73 -10.25
C GLU A 385 -7.77 -2.09 -9.25
N HIS A 386 -8.04 -1.18 -8.31
CA HIS A 386 -9.05 -1.41 -7.28
C HIS A 386 -10.47 -1.50 -7.86
N ARG A 387 -10.63 -1.08 -9.11
CA ARG A 387 -11.91 -1.15 -9.81
C ARG A 387 -11.99 -2.40 -10.72
N TRP A 388 -10.88 -3.11 -10.91
CA TRP A 388 -10.92 -4.33 -11.69
C TRP A 388 -11.83 -5.34 -10.97
N ARG A 389 -12.78 -5.96 -11.66
CA ARG A 389 -13.71 -6.89 -11.01
C ARG A 389 -13.03 -7.94 -10.12
N GLN A 390 -11.97 -8.53 -10.66
CA GLN A 390 -11.22 -9.56 -9.99
C GLN A 390 -10.56 -9.08 -8.68
N ILE A 391 -10.18 -7.82 -8.62
CA ILE A 391 -9.57 -7.27 -7.41
C ILE A 391 -10.64 -6.74 -6.44
N ARG A 392 -11.56 -5.92 -6.93
CA ARG A 392 -12.64 -5.41 -6.11
C ARG A 392 -13.44 -6.55 -5.45
N ASN A 393 -13.72 -7.61 -6.19
CA ASN A 393 -14.47 -8.72 -5.63
C ASN A 393 -13.66 -9.51 -4.58
N MET A 394 -12.33 -9.48 -4.68
CA MET A 394 -11.50 -10.15 -3.69
C MET A 394 -11.36 -9.25 -2.43
N VAL A 395 -11.49 -7.94 -2.60
CA VAL A 395 -11.51 -7.03 -1.46
C VAL A 395 -12.76 -7.36 -0.65
N ILE A 396 -13.87 -7.62 -1.35
CA ILE A 396 -15.12 -8.01 -0.69
C ILE A 396 -14.99 -9.42 -0.10
N PHE A 397 -14.35 -10.35 -0.81
CA PHE A 397 -14.12 -11.70 -0.29
C PHE A 397 -13.42 -11.62 1.08
N ARG A 398 -12.39 -10.80 1.20
CA ARG A 398 -11.66 -10.66 2.47
C ARG A 398 -12.58 -10.17 3.59
N ASN A 399 -13.47 -9.25 3.26
CA ASN A 399 -14.44 -8.74 4.22
C ASN A 399 -15.38 -9.87 4.69
N VAL A 400 -15.93 -10.61 3.74
CA VAL A 400 -16.87 -11.69 4.02
C VAL A 400 -16.26 -12.80 4.88
N VAL A 401 -15.00 -13.14 4.65
CA VAL A 401 -14.35 -14.20 5.41
C VAL A 401 -13.55 -13.71 6.63
N ASP A 402 -13.68 -12.43 6.97
CA ASP A 402 -12.94 -11.85 8.11
C ASP A 402 -12.97 -12.71 9.38
N GLY A 403 -11.80 -13.00 9.95
CA GLY A 403 -11.71 -13.79 11.17
C GLY A 403 -11.80 -15.30 11.00
N GLN A 404 -12.11 -15.73 9.79
CA GLN A 404 -12.29 -17.11 9.42
C GLN A 404 -10.88 -17.85 9.32
N PRO A 405 -10.72 -19.09 9.83
CA PRO A 405 -9.41 -19.79 9.76
C PRO A 405 -8.99 -20.32 8.40
N PHE A 406 -7.69 -20.41 8.18
CA PHE A 406 -7.13 -20.98 6.96
C PHE A 406 -7.32 -22.50 7.06
N THR A 407 -8.05 -23.09 6.13
CA THR A 407 -8.33 -24.51 6.22
C THR A 407 -8.56 -25.17 4.85
N ASN A 408 -8.74 -26.49 4.84
CA ASN A 408 -9.00 -27.22 3.61
C ASN A 408 -8.00 -26.95 2.48
N TRP A 409 -6.72 -26.89 2.84
CA TRP A 409 -5.68 -26.70 1.84
C TRP A 409 -5.50 -27.90 0.94
N TYR A 410 -5.32 -27.63 -0.34
CA TYR A 410 -5.08 -28.68 -1.33
C TYR A 410 -3.98 -28.25 -2.28
N ASP A 411 -3.18 -29.19 -2.74
CA ASP A 411 -2.15 -28.89 -3.72
C ASP A 411 -1.82 -30.13 -4.55
N ASN A 412 -1.45 -29.96 -5.81
CA ASN A 412 -1.12 -31.07 -6.68
C ASN A 412 0.38 -31.36 -6.73
N GLY A 413 1.14 -30.81 -5.79
CA GLY A 413 2.58 -31.00 -5.78
C GLY A 413 3.29 -30.05 -6.73
N SER A 414 2.53 -29.21 -7.42
CA SER A 414 3.10 -28.27 -8.37
C SER A 414 2.50 -26.86 -8.23
N ASN A 415 1.65 -26.40 -9.14
CA ASN A 415 1.10 -25.05 -9.04
C ASN A 415 -0.44 -24.96 -8.99
N GLN A 416 -1.10 -26.08 -8.71
CA GLN A 416 -2.55 -26.10 -8.60
C GLN A 416 -2.87 -26.21 -7.11
N VAL A 417 -3.38 -25.14 -6.51
CA VAL A 417 -3.68 -25.13 -5.09
C VAL A 417 -5.04 -24.57 -4.76
N ALA A 418 -5.50 -24.81 -3.54
CA ALA A 418 -6.78 -24.30 -3.11
C ALA A 418 -6.84 -24.26 -1.60
N PHE A 419 -7.69 -23.39 -1.07
CA PHE A 419 -7.85 -23.32 0.35
C PHE A 419 -9.11 -22.57 0.72
N GLY A 420 -9.58 -22.77 1.94
CA GLY A 420 -10.78 -22.07 2.35
C GLY A 420 -10.53 -21.23 3.57
N ARG A 421 -11.54 -20.44 3.89
CA ARG A 421 -11.53 -19.60 5.05
C ARG A 421 -12.76 -20.03 5.87
N GLY A 422 -12.55 -21.00 6.77
CA GLY A 422 -13.64 -21.55 7.56
C GLY A 422 -14.78 -22.01 6.65
N ASN A 423 -16.00 -21.62 6.99
CA ASN A 423 -17.16 -21.96 6.20
C ASN A 423 -17.71 -20.77 5.42
N ARG A 424 -16.87 -19.74 5.23
CA ARG A 424 -17.29 -18.51 4.55
C ARG A 424 -16.72 -18.29 3.14
N GLY A 425 -15.60 -18.93 2.81
CA GLY A 425 -15.02 -18.74 1.49
C GLY A 425 -14.07 -19.84 1.05
N PHE A 426 -13.89 -19.94 -0.25
CA PHE A 426 -12.99 -20.92 -0.83
C PHE A 426 -12.40 -20.39 -2.13
N ILE A 427 -11.11 -20.66 -2.36
CA ILE A 427 -10.44 -20.16 -3.55
C ILE A 427 -9.56 -21.23 -4.17
N VAL A 428 -9.54 -21.28 -5.49
CA VAL A 428 -8.79 -22.28 -6.23
C VAL A 428 -7.91 -21.62 -7.27
N PHE A 429 -6.65 -22.03 -7.34
CA PHE A 429 -5.69 -21.46 -8.27
C PHE A 429 -5.02 -22.48 -9.18
N ASN A 430 -4.83 -22.12 -10.45
CA ASN A 430 -4.12 -22.99 -11.38
C ASN A 430 -3.00 -22.23 -12.07
N ASN A 431 -1.76 -22.37 -11.60
CA ASN A 431 -0.66 -21.69 -12.27
C ASN A 431 0.28 -22.69 -12.93
N ASP A 432 -0.26 -23.85 -13.29
CA ASP A 432 0.48 -24.88 -14.00
C ASP A 432 0.19 -24.75 -15.51
N ASP A 433 1.02 -25.34 -16.35
CA ASP A 433 0.81 -25.24 -17.78
C ASP A 433 -0.15 -26.34 -18.33
N TRP A 434 -1.15 -26.69 -17.53
CA TRP A 434 -2.15 -27.65 -17.90
C TRP A 434 -3.42 -27.42 -17.09
N SER A 435 -4.54 -28.01 -17.51
CA SER A 435 -5.79 -27.78 -16.82
C SER A 435 -5.96 -28.42 -15.46
N PHE A 436 -6.83 -27.82 -14.65
CA PHE A 436 -7.17 -28.32 -13.33
C PHE A 436 -8.63 -28.71 -13.32
N SER A 437 -8.93 -29.99 -13.19
CA SER A 437 -10.29 -30.47 -13.17
C SER A 437 -10.45 -31.48 -12.04
N LEU A 438 -10.98 -31.03 -10.91
CA LEU A 438 -11.06 -31.89 -9.75
C LEU A 438 -12.10 -31.50 -8.71
N THR A 439 -12.60 -32.47 -7.97
CA THR A 439 -13.56 -32.22 -6.91
C THR A 439 -12.79 -31.97 -5.61
N LEU A 440 -13.06 -30.85 -4.96
CA LEU A 440 -12.37 -30.46 -3.74
C LEU A 440 -13.29 -30.24 -2.55
N GLN A 441 -12.78 -30.47 -1.34
CA GLN A 441 -13.55 -30.25 -0.14
C GLN A 441 -13.50 -28.66 0.11
N THR A 442 -14.64 -27.97 0.07
CA THR A 442 -14.66 -26.49 0.22
C THR A 442 -14.97 -25.99 1.63
N GLY A 443 -15.55 -26.82 2.48
CA GLY A 443 -15.90 -26.38 3.82
C GLY A 443 -17.13 -25.46 3.85
N LEU A 444 -17.73 -25.21 2.69
CA LEU A 444 -18.91 -24.32 2.59
C LEU A 444 -20.26 -25.04 2.60
N PRO A 445 -21.34 -24.36 3.04
CA PRO A 445 -22.67 -24.98 3.06
C PRO A 445 -23.08 -25.31 1.62
N ALA A 446 -23.92 -26.32 1.41
CA ALA A 446 -24.36 -26.69 0.07
C ALA A 446 -25.10 -25.58 -0.66
N GLY A 447 -25.01 -25.55 -1.99
CA GLY A 447 -25.69 -24.54 -2.76
C GLY A 447 -24.94 -24.16 -4.02
N THR A 448 -25.46 -23.16 -4.72
CA THR A 448 -24.85 -22.65 -5.94
C THR A 448 -24.14 -21.35 -5.63
N TYR A 449 -22.87 -21.26 -5.98
CA TYR A 449 -22.08 -20.08 -5.71
C TYR A 449 -21.54 -19.41 -6.97
N CYS A 450 -21.58 -18.09 -7.01
CA CYS A 450 -21.02 -17.41 -8.14
C CYS A 450 -19.52 -17.20 -8.00
N ASP A 451 -18.75 -17.54 -9.03
CA ASP A 451 -17.33 -17.27 -8.99
C ASP A 451 -17.19 -15.75 -9.13
N VAL A 452 -16.59 -15.08 -8.14
CA VAL A 452 -16.48 -13.64 -8.20
C VAL A 452 -15.27 -13.14 -8.99
N ILE A 453 -14.53 -14.05 -9.62
CA ILE A 453 -13.39 -13.65 -10.45
C ILE A 453 -13.85 -13.49 -11.91
N SER A 454 -14.54 -14.50 -12.44
CA SER A 454 -15.03 -14.45 -13.81
C SER A 454 -16.34 -13.65 -13.93
N GLY A 455 -17.00 -13.38 -12.81
CA GLY A 455 -18.24 -12.65 -12.87
C GLY A 455 -18.67 -12.06 -11.55
N ASP A 456 -19.97 -11.87 -11.42
CA ASP A 456 -20.57 -11.26 -10.24
C ASP A 456 -21.94 -11.86 -9.90
N LYS A 457 -22.42 -11.61 -8.70
CA LYS A 457 -23.76 -12.03 -8.31
C LYS A 457 -24.66 -10.80 -8.53
N ILE A 458 -25.50 -10.83 -9.55
CA ILE A 458 -26.39 -9.70 -9.87
C ILE A 458 -27.82 -10.18 -10.06
N ASN A 459 -28.76 -9.59 -9.32
CA ASN A 459 -30.18 -9.94 -9.43
C ASN A 459 -30.45 -11.45 -9.22
N GLY A 460 -29.84 -12.04 -8.19
CA GLY A 460 -30.05 -13.46 -7.91
C GLY A 460 -29.46 -14.45 -8.91
N ASN A 461 -28.60 -13.97 -9.81
CA ASN A 461 -27.97 -14.83 -10.80
C ASN A 461 -26.45 -14.58 -10.89
N CYS A 462 -25.70 -15.49 -11.50
CA CYS A 462 -24.27 -15.32 -11.67
C CYS A 462 -23.95 -14.89 -13.11
N THR A 463 -23.09 -13.90 -13.31
CA THR A 463 -22.75 -13.47 -14.66
C THR A 463 -21.58 -14.28 -15.24
N GLY A 464 -20.91 -15.05 -14.39
CA GLY A 464 -19.78 -15.86 -14.83
C GLY A 464 -19.92 -17.31 -14.41
N ILE A 465 -18.80 -17.93 -14.03
CA ILE A 465 -18.79 -19.31 -13.60
C ILE A 465 -19.66 -19.56 -12.37
N LYS A 466 -20.30 -20.72 -12.34
CA LYS A 466 -21.14 -21.13 -11.24
C LYS A 466 -20.56 -22.41 -10.60
N ILE A 467 -20.43 -22.44 -9.28
CA ILE A 467 -19.90 -23.61 -8.59
C ILE A 467 -21.00 -24.26 -7.75
N TYR A 468 -21.11 -25.58 -7.83
CA TYR A 468 -22.14 -26.30 -7.12
C TYR A 468 -21.58 -27.11 -5.96
N VAL A 469 -21.85 -26.69 -4.73
CA VAL A 469 -21.38 -27.39 -3.53
C VAL A 469 -22.45 -28.37 -3.04
N SER A 470 -22.09 -29.64 -2.89
CA SER A 470 -23.04 -30.63 -2.44
C SER A 470 -23.13 -30.73 -0.91
N ASP A 471 -23.98 -31.60 -0.38
CA ASP A 471 -24.16 -31.75 1.06
C ASP A 471 -22.88 -32.15 1.82
N ASP A 472 -21.93 -32.75 1.12
CA ASP A 472 -20.67 -33.16 1.71
C ASP A 472 -19.63 -32.03 1.74
N GLY A 473 -20.00 -30.86 1.22
CA GLY A 473 -19.08 -29.72 1.18
C GLY A 473 -18.16 -29.74 -0.02
N LYS A 474 -18.26 -30.78 -0.84
CA LYS A 474 -17.41 -30.90 -2.02
C LYS A 474 -17.97 -30.19 -3.27
N ALA A 475 -17.09 -29.76 -4.15
CA ALA A 475 -17.50 -29.11 -5.40
C ALA A 475 -16.47 -29.34 -6.48
N HIS A 476 -16.91 -29.45 -7.72
CA HIS A 476 -15.98 -29.67 -8.80
C HIS A 476 -15.52 -28.34 -9.41
N PHE A 477 -14.22 -28.20 -9.61
CA PHE A 477 -13.66 -27.00 -10.17
C PHE A 477 -12.91 -27.29 -11.45
N SER A 478 -13.17 -26.52 -12.51
CA SER A 478 -12.48 -26.68 -13.77
C SER A 478 -11.81 -25.38 -14.19
N ILE A 479 -10.49 -25.38 -14.26
CA ILE A 479 -9.75 -24.19 -14.66
C ILE A 479 -8.69 -24.51 -15.68
N SER A 480 -8.86 -24.02 -16.90
CA SER A 480 -7.88 -24.24 -17.92
C SER A 480 -6.69 -23.29 -17.76
N ASN A 481 -5.50 -23.72 -18.12
CA ASN A 481 -4.34 -22.85 -18.03
C ASN A 481 -4.42 -21.69 -19.03
N SER A 482 -5.41 -21.72 -19.92
CA SER A 482 -5.61 -20.67 -20.89
C SER A 482 -6.84 -19.78 -20.58
N ALA A 483 -7.42 -19.93 -19.39
CA ALA A 483 -8.55 -19.09 -18.99
C ALA A 483 -8.09 -17.66 -18.72
N GLU A 484 -8.94 -16.66 -18.96
CA GLU A 484 -8.57 -15.26 -18.71
C GLU A 484 -7.95 -15.08 -17.32
N ASP A 485 -8.62 -15.63 -16.33
CA ASP A 485 -8.17 -15.60 -14.94
C ASP A 485 -8.10 -17.05 -14.44
N PRO A 486 -6.89 -17.64 -14.29
CA PRO A 486 -6.79 -19.03 -13.82
C PRO A 486 -7.03 -19.31 -12.36
N PHE A 487 -8.05 -18.66 -11.80
CA PHE A 487 -8.42 -18.88 -10.43
C PHE A 487 -9.89 -18.58 -10.19
N ILE A 488 -10.50 -19.32 -9.27
CA ILE A 488 -11.91 -19.19 -8.93
C ILE A 488 -12.08 -18.89 -7.45
N ALA A 489 -12.97 -17.96 -7.11
CA ALA A 489 -13.22 -17.62 -5.72
C ALA A 489 -14.70 -17.55 -5.44
N ILE A 490 -15.14 -18.22 -4.38
CA ILE A 490 -16.54 -18.20 -4.00
C ILE A 490 -16.68 -17.94 -2.51
N HIS A 491 -17.76 -17.29 -2.10
CA HIS A 491 -17.93 -17.02 -0.69
C HIS A 491 -19.40 -16.94 -0.25
N ALA A 492 -19.65 -16.84 1.04
CA ALA A 492 -21.02 -16.81 1.58
C ALA A 492 -21.94 -15.81 0.91
N GLU A 493 -21.44 -14.62 0.61
CA GLU A 493 -22.27 -13.60 -0.02
C GLU A 493 -22.37 -13.72 -1.56
N SER A 494 -21.71 -14.72 -2.16
CA SER A 494 -21.83 -14.94 -3.59
C SER A 494 -22.73 -16.16 -3.86
N LYS A 495 -23.32 -16.70 -2.79
CA LYS A 495 -24.23 -17.84 -2.84
C LYS A 495 -25.60 -17.40 -3.37
N LEU A 496 -26.20 -18.19 -4.25
CA LEU A 496 -27.51 -17.88 -4.79
C LEU A 496 -28.64 -18.27 -3.85
#